data_4QC6
#
_entry.id   4QC6
#
_cell.length_a   52.830
_cell.length_b   89.720
_cell.length_c   96.960
_cell.angle_alpha   90.00
_cell.angle_beta   90.00
_cell.angle_gamma   90.00
#
_symmetry.space_group_name_H-M   'P 21 21 21'
#
loop_
_entity.id
_entity.type
_entity.pdbx_description
1 polymer 'Bifunctional AAC/APH'
2 non-polymer 'KANAMYCIN A'
3 non-polymer '(3R,5S,9R)-1-[(2R,3S,4R,5R)-5-(6-amino-9H-purin-9-yl)-4-hydroxy-3-(phosphonooxy)tetrahydrofuran-2-yl]-3,5,9-trihydroxy-8,8-dimethyl-10,14-dioxo-2,4,6-trioxa-11,15-diaza-3,5-diphosphaheptadecane-17-sulfinic acid 3,5-dioxide (non-preferred name)'
4 non-polymer 'FORMIC ACID'
5 water water
#
_entity_poly.entity_id   1
_entity_poly.type   'polypeptide(L)'
_entity_poly.pdbx_seq_one_letter_code
;MNIVENEICIRTLIDDDFPLMLKWLTDERVLEFYGGRDKKYTLESLKKHYTEPWEDEVFRVIIEYNNVPIGYGQIYKMYD
ELYTDYHYPKTDEIVYGMDQFIGEPNYWSKGIGTRYIKLIFEFLKKERNANAVILDPHKNNPRAIRAYQKSGFRIIEDLP
EHELHEGKKEDCYLMEYRY
;
_entity_poly.pdbx_strand_id   A,B
#
loop_
_chem_comp.id
_chem_comp.type
_chem_comp.name
_chem_comp.formula
30N non-polymer '(3R,5S,9R)-1-[(2R,3S,4R,5R)-5-(6-amino-9H-purin-9-yl)-4-hydroxy-3-(phosphonooxy)tetrahydrofuran-2-yl]-3,5,9-trihydroxy-8,8-dimethyl-10,14-dioxo-2,4,6-trioxa-11,15-diaza-3,5-diphosphaheptadecane-17-sulfinic acid 3,5-dioxide (non-preferred name)' 'C21 H36 N7 O18 P3 S'
FMT non-polymer 'FORMIC ACID' 'C H2 O2'
KAN non-polymer 'KANAMYCIN A' 'C18 H36 N4 O11'
#
# COMPACT_ATOMS: atom_id res chain seq x y z
N MET A 1 -3.00 8.03 -3.98
CA MET A 1 -3.27 9.47 -4.02
C MET A 1 -3.11 10.01 -5.44
N ASN A 2 -4.01 10.90 -5.83
CA ASN A 2 -3.89 11.55 -7.13
C ASN A 2 -4.56 12.92 -7.09
N ILE A 3 -3.74 13.96 -7.19
CA ILE A 3 -4.19 15.35 -7.15
C ILE A 3 -3.75 16.06 -8.41
N VAL A 4 -4.68 16.71 -9.10
CA VAL A 4 -4.33 17.51 -10.26
C VAL A 4 -4.80 18.94 -10.06
N GLU A 5 -3.91 19.90 -10.25
CA GLU A 5 -4.28 21.31 -10.16
C GLU A 5 -3.48 22.06 -11.22
N ASN A 6 -4.11 22.27 -12.38
CA ASN A 6 -3.47 22.86 -13.56
C ASN A 6 -2.12 22.22 -13.91
N GLU A 7 -1.01 22.94 -13.75
CA GLU A 7 0.29 22.40 -14.18
C GLU A 7 0.79 21.24 -13.33
N ILE A 8 0.27 21.11 -12.11
CA ILE A 8 0.81 20.12 -11.17
C ILE A 8 -0.05 18.88 -11.05
N CYS A 9 0.61 17.72 -11.07
CA CYS A 9 -0.03 16.47 -10.68
C CYS A 9 0.82 15.85 -9.58
N ILE A 10 0.16 15.43 -8.49
CA ILE A 10 0.80 14.66 -7.44
C ILE A 10 0.16 13.28 -7.43
N ARG A 11 0.95 12.23 -7.59
CA ARG A 11 0.36 10.89 -7.71
C ARG A 11 1.25 9.83 -7.07
N THR A 12 0.63 8.71 -6.71
CA THR A 12 1.34 7.65 -6.02
C THR A 12 2.54 7.12 -6.83
N LEU A 13 3.66 6.96 -6.14
CA LEU A 13 4.86 6.34 -6.68
C LEU A 13 4.61 4.90 -7.10
N ILE A 14 5.05 4.51 -8.29
CA ILE A 14 4.99 3.13 -8.73
C ILE A 14 6.37 2.68 -9.19
N ASP A 15 6.53 1.38 -9.40
CA ASP A 15 7.83 0.80 -9.73
CA ASP A 15 7.86 0.84 -9.69
C ASP A 15 8.48 1.46 -10.96
N ASP A 16 7.64 1.80 -11.94
CA ASP A 16 8.13 2.39 -13.18
C ASP A 16 8.83 3.73 -12.98
N ASP A 17 8.62 4.36 -11.83
CA ASP A 17 9.23 5.65 -11.52
C ASP A 17 10.69 5.57 -11.10
N PHE A 18 11.17 4.38 -10.76
CA PHE A 18 12.49 4.31 -10.14
C PHE A 18 13.68 4.66 -11.04
N PRO A 19 13.65 4.33 -12.36
CA PRO A 19 14.78 4.79 -13.18
C PRO A 19 14.95 6.32 -13.17
N LEU A 20 13.86 7.08 -13.25
CA LEU A 20 13.99 8.53 -13.21
C LEU A 20 14.41 9.01 -11.83
N MET A 21 13.92 8.35 -10.78
CA MET A 21 14.37 8.70 -9.45
CA MET A 21 14.36 8.61 -9.39
C MET A 21 15.87 8.44 -9.27
N LEU A 22 16.39 7.41 -9.92
CA LEU A 22 17.82 7.14 -9.86
C LEU A 22 18.60 8.28 -10.53
N LYS A 23 18.07 8.82 -11.61
CA LYS A 23 18.67 9.97 -12.27
CA LYS A 23 18.72 9.95 -12.25
C LYS A 23 18.77 11.14 -11.29
N TRP A 24 17.67 11.44 -10.62
CA TRP A 24 17.66 12.53 -9.65
C TRP A 24 18.64 12.28 -8.50
N LEU A 25 18.66 11.05 -7.99
CA LEU A 25 19.43 10.77 -6.78
C LEU A 25 20.82 10.21 -7.07
N THR A 26 21.26 10.42 -8.30
CA THR A 26 22.69 10.34 -8.65
C THR A 26 23.18 11.69 -9.19
N ASP A 27 22.32 12.70 -9.16
CA ASP A 27 22.65 14.04 -9.63
C ASP A 27 23.21 14.86 -8.47
N GLU A 28 24.49 15.22 -8.55
CA GLU A 28 25.12 15.91 -7.43
CA GLU A 28 25.19 15.98 -7.51
C GLU A 28 24.42 17.22 -7.07
N ARG A 29 23.76 17.87 -8.03
CA ARG A 29 23.03 19.11 -7.75
C ARG A 29 21.91 18.86 -6.76
N VAL A 30 21.22 17.74 -6.92
CA VAL A 30 20.09 17.38 -6.08
C VAL A 30 20.59 16.82 -4.75
N LEU A 31 21.61 15.96 -4.83
CA LEU A 31 22.10 15.28 -3.65
C LEU A 31 22.69 16.23 -2.61
N GLU A 32 23.14 17.41 -3.05
CA GLU A 32 23.67 18.39 -2.10
C GLU A 32 22.64 18.70 -1.01
N PHE A 33 21.36 18.72 -1.38
CA PHE A 33 20.29 19.16 -0.51
C PHE A 33 19.33 18.05 -0.06
N TYR A 34 19.50 16.85 -0.62
CA TYR A 34 18.64 15.72 -0.26
C TYR A 34 19.48 14.47 -0.35
N GLY A 35 19.68 13.79 0.79
CA GLY A 35 20.45 12.54 0.83
C GLY A 35 21.93 12.76 1.08
N GLY A 36 22.57 13.59 0.25
CA GLY A 36 23.99 13.83 0.37
C GLY A 36 24.76 13.32 -0.85
N ARG A 37 25.76 14.08 -1.28
CA ARG A 37 26.52 13.76 -2.48
C ARG A 37 27.35 12.50 -2.34
N ASP A 38 27.50 11.99 -1.12
CA ASP A 38 28.24 10.76 -0.89
C ASP A 38 27.38 9.49 -0.99
N LYS A 39 26.07 9.65 -1.16
CA LYS A 39 25.20 8.49 -1.45
C LYS A 39 25.52 7.92 -2.81
N LYS A 40 25.60 6.60 -2.90
CA LYS A 40 25.88 5.94 -4.19
CA LYS A 40 25.89 5.93 -4.18
C LYS A 40 24.81 4.89 -4.47
N TYR A 41 23.70 5.33 -5.04
CA TYR A 41 22.61 4.42 -5.37
C TYR A 41 22.83 3.69 -6.69
N THR A 42 22.37 2.44 -6.74
CA THR A 42 22.07 1.76 -8.01
C THR A 42 20.55 1.67 -8.11
N LEU A 43 20.02 1.24 -9.25
CA LEU A 43 18.59 1.09 -9.37
C LEU A 43 18.07 0.13 -8.31
N GLU A 44 18.76 -0.99 -8.12
CA GLU A 44 18.31 -1.97 -7.16
C GLU A 44 18.39 -1.45 -5.71
N SER A 45 19.48 -0.76 -5.35
CA SER A 45 19.59 -0.34 -3.95
C SER A 45 18.65 0.83 -3.68
N LEU A 46 18.39 1.66 -4.70
CA LEU A 46 17.41 2.74 -4.56
CA LEU A 46 17.42 2.73 -4.53
C LEU A 46 16.02 2.16 -4.33
N LYS A 47 15.64 1.18 -5.15
CA LYS A 47 14.33 0.56 -5.00
CA LYS A 47 14.36 0.50 -5.01
C LYS A 47 14.19 -0.08 -3.61
N LYS A 48 15.23 -0.75 -3.14
CA LYS A 48 15.16 -1.32 -1.80
C LYS A 48 14.88 -0.23 -0.77
N HIS A 49 15.60 0.89 -0.87
CA HIS A 49 15.44 1.98 0.09
C HIS A 49 14.02 2.55 0.07
N TYR A 50 13.49 2.76 -1.13
CA TYR A 50 12.21 3.45 -1.27
C TYR A 50 11.03 2.49 -1.28
N THR A 51 11.29 1.23 -0.95
CA THR A 51 10.22 0.28 -0.65
C THR A 51 10.32 -0.26 0.78
N GLU A 52 11.17 0.31 1.61
CA GLU A 52 11.16 -0.06 3.02
C GLU A 52 9.80 0.28 3.65
N PRO A 53 9.25 -0.63 4.45
CA PRO A 53 7.93 -0.39 5.04
C PRO A 53 7.96 0.58 6.21
N TRP A 54 6.80 1.14 6.51
CA TRP A 54 6.63 2.12 7.58
C TRP A 54 5.69 1.54 8.63
N GLU A 55 5.94 1.89 9.89
CA GLU A 55 5.11 1.45 11.00
C GLU A 55 3.66 1.91 10.84
N ASP A 56 3.50 3.17 10.46
CA ASP A 56 2.18 3.78 10.32
C ASP A 56 2.01 4.29 8.89
N GLU A 57 0.94 5.02 8.64
CA GLU A 57 0.58 5.42 7.29
C GLU A 57 1.65 6.25 6.58
N VAL A 58 1.89 5.93 5.31
CA VAL A 58 2.78 6.72 4.46
C VAL A 58 2.18 6.85 3.06
N PHE A 59 2.41 8.00 2.43
CA PHE A 59 2.16 8.23 1.02
C PHE A 59 3.47 8.56 0.35
N ARG A 60 3.91 7.74 -0.60
CA ARG A 60 5.05 8.07 -1.44
C ARG A 60 4.50 8.57 -2.78
N VAL A 61 4.95 9.74 -3.23
CA VAL A 61 4.36 10.38 -4.40
C VAL A 61 5.40 10.95 -5.35
N ILE A 62 5.01 11.04 -6.61
CA ILE A 62 5.77 11.71 -7.64
C ILE A 62 5.05 13.01 -7.99
N ILE A 63 5.84 14.07 -8.10
CA ILE A 63 5.36 15.39 -8.50
C ILE A 63 5.60 15.57 -9.99
N GLU A 64 4.55 15.87 -10.75
CA GLU A 64 4.68 16.12 -12.19
C GLU A 64 4.33 17.56 -12.48
N TYR A 65 5.07 18.18 -13.40
CA TYR A 65 4.83 19.56 -13.78
C TYR A 65 4.77 19.62 -15.31
N ASN A 66 3.65 20.11 -15.84
CA ASN A 66 3.42 20.11 -17.28
C ASN A 66 3.73 18.75 -17.91
N ASN A 67 3.26 17.71 -17.23
CA ASN A 67 3.25 16.33 -17.74
C ASN A 67 4.64 15.69 -17.75
N VAL A 68 5.57 16.28 -17.01
CA VAL A 68 6.90 15.71 -16.80
C VAL A 68 7.14 15.47 -15.31
N PRO A 69 7.50 14.25 -14.92
CA PRO A 69 7.84 14.04 -13.51
C PRO A 69 9.06 14.87 -13.12
N ILE A 70 8.97 15.63 -12.04
CA ILE A 70 10.08 16.48 -11.64
C ILE A 70 10.52 16.32 -10.18
N GLY A 71 9.82 15.53 -9.37
CA GLY A 71 10.27 15.34 -8.01
C GLY A 71 9.49 14.29 -7.26
N TYR A 72 9.76 14.22 -5.96
CA TYR A 72 9.32 13.15 -5.09
C TYR A 72 8.92 13.69 -3.74
N GLY A 73 7.88 13.12 -3.14
CA GLY A 73 7.55 13.40 -1.76
C GLY A 73 7.17 12.16 -0.98
N GLN A 74 7.38 12.20 0.34
CA GLN A 74 6.73 11.22 1.20
C GLN A 74 6.06 11.98 2.33
N ILE A 75 4.87 11.52 2.67
CA ILE A 75 4.00 12.16 3.64
C ILE A 75 3.60 11.07 4.61
N TYR A 76 3.86 11.26 5.90
CA TYR A 76 3.75 10.15 6.85
C TYR A 76 3.09 10.56 8.16
N LYS A 77 2.23 9.69 8.68
CA LYS A 77 1.63 9.92 9.98
C LYS A 77 2.72 9.85 11.05
N MET A 78 2.71 10.80 11.98
CA MET A 78 3.76 10.85 12.98
CA MET A 78 3.75 10.89 13.00
C MET A 78 3.75 9.62 13.86
N TYR A 79 4.94 9.19 14.26
CA TYR A 79 5.13 7.97 15.04
C TYR A 79 6.15 8.19 16.14
N ASP A 80 6.15 7.29 17.12
CA ASP A 80 6.87 7.48 18.37
C ASP A 80 8.35 7.83 18.23
N GLU A 81 9.06 7.15 17.33
CA GLU A 81 10.47 7.43 17.10
C GLU A 81 10.68 8.92 16.85
N LEU A 82 9.83 9.50 16.01
CA LEU A 82 9.97 10.90 15.63
C LEU A 82 9.45 11.87 16.68
N TYR A 83 8.35 11.52 17.36
CA TYR A 83 7.89 12.33 18.48
C TYR A 83 9.03 12.52 19.46
N THR A 84 9.75 11.43 19.75
CA THR A 84 10.85 11.46 20.69
C THR A 84 12.04 12.29 20.22
N ASP A 85 12.54 12.02 19.01
CA ASP A 85 13.75 12.69 18.58
CA ASP A 85 13.72 12.67 18.49
C ASP A 85 13.48 14.16 18.23
N TYR A 86 12.24 14.50 17.90
CA TYR A 86 11.88 15.88 17.64
C TYR A 86 11.66 16.69 18.91
N HIS A 87 11.51 15.98 20.03
CA HIS A 87 11.07 16.60 21.28
C HIS A 87 9.73 17.29 21.04
N TYR A 88 8.91 16.64 20.22
CA TYR A 88 7.58 17.11 19.83
C TYR A 88 6.55 16.22 20.50
N PRO A 89 5.82 16.76 21.48
CA PRO A 89 4.91 15.93 22.27
C PRO A 89 3.79 15.28 21.46
N LYS A 90 3.53 14.02 21.74
CA LYS A 90 2.35 13.35 21.23
C LYS A 90 1.13 13.82 22.01
N THR A 91 0.08 14.22 21.29
CA THR A 91 -1.16 14.68 21.89
C THR A 91 -2.33 13.98 21.19
N ASP A 92 -3.54 14.54 21.33
CA ASP A 92 -4.69 14.03 20.60
C ASP A 92 -4.73 14.56 19.18
N GLU A 93 -3.86 15.51 18.87
CA GLU A 93 -3.82 16.07 17.52
C GLU A 93 -3.35 15.04 16.49
N ILE A 94 -3.91 15.16 15.29
CA ILE A 94 -3.48 14.39 14.13
C ILE A 94 -2.34 15.15 13.48
N VAL A 95 -1.16 14.51 13.44
CA VAL A 95 0.05 15.17 12.96
C VAL A 95 0.73 14.33 11.87
N TYR A 96 1.14 14.98 10.80
CA TYR A 96 1.90 14.35 9.72
C TYR A 96 3.25 15.03 9.55
N GLY A 97 4.23 14.31 9.04
CA GLY A 97 5.46 14.91 8.59
C GLY A 97 5.57 14.76 7.09
N MET A 98 6.47 15.53 6.47
CA MET A 98 6.66 15.38 5.04
C MET A 98 8.11 15.70 4.64
N ASP A 99 8.63 14.88 3.72
CA ASP A 99 9.97 15.05 3.14
C ASP A 99 9.77 15.18 1.63
N GLN A 100 10.52 16.03 0.95
CA GLN A 100 10.35 16.18 -0.50
C GLN A 100 11.56 16.79 -1.18
N PHE A 101 11.69 16.50 -2.47
CA PHE A 101 12.67 17.22 -3.30
C PHE A 101 12.15 17.36 -4.71
N ILE A 102 12.53 18.46 -5.34
CA ILE A 102 12.38 18.65 -6.77
C ILE A 102 13.71 18.23 -7.40
N GLY A 103 13.66 17.20 -8.24
CA GLY A 103 14.87 16.63 -8.84
C GLY A 103 15.34 17.34 -10.09
N GLU A 104 14.55 18.30 -10.57
CA GLU A 104 14.91 19.13 -11.72
C GLU A 104 15.29 20.52 -11.24
N PRO A 105 16.60 20.81 -11.16
CA PRO A 105 17.02 22.10 -10.57
C PRO A 105 16.52 23.32 -11.33
N ASN A 106 16.17 23.17 -12.60
CA ASN A 106 15.63 24.32 -13.32
C ASN A 106 14.24 24.71 -12.82
N TYR A 107 13.65 23.87 -11.97
CA TYR A 107 12.35 24.17 -11.36
C TYR A 107 12.45 24.52 -9.88
N TRP A 108 13.64 24.93 -9.43
CA TRP A 108 13.80 25.48 -8.08
C TRP A 108 13.51 26.99 -8.06
N SER A 109 13.01 27.46 -6.93
CA SER A 109 12.75 28.90 -6.70
C SER A 109 11.78 29.52 -7.72
N LYS A 110 10.81 28.73 -8.15
CA LYS A 110 9.76 29.21 -9.04
C LYS A 110 8.38 29.01 -8.41
N GLY A 111 8.37 28.74 -7.11
CA GLY A 111 7.12 28.64 -6.35
C GLY A 111 6.44 27.28 -6.39
N ILE A 112 7.02 26.33 -7.13
CA ILE A 112 6.35 25.05 -7.32
C ILE A 112 6.32 24.23 -6.03
N GLY A 113 7.40 24.30 -5.26
CA GLY A 113 7.45 23.60 -3.99
C GLY A 113 6.39 24.10 -3.03
N THR A 114 6.19 25.42 -2.99
CA THR A 114 5.15 26.00 -2.14
C THR A 114 3.75 25.57 -2.63
N ARG A 115 3.52 25.53 -3.94
CA ARG A 115 2.25 25.02 -4.46
CA ARG A 115 2.26 25.02 -4.46
C ARG A 115 2.02 23.57 -4.03
N TYR A 116 3.05 22.75 -4.16
CA TYR A 116 3.00 21.34 -3.75
C TYR A 116 2.61 21.22 -2.27
N ILE A 117 3.31 21.95 -1.40
CA ILE A 117 3.03 21.86 0.03
C ILE A 117 1.58 22.22 0.35
N LYS A 118 1.08 23.28 -0.27
CA LYS A 118 -0.28 23.71 0.03
C LYS A 118 -1.31 22.68 -0.45
N LEU A 119 -1.02 21.98 -1.55
CA LEU A 119 -1.91 20.91 -2.01
C LEU A 119 -1.93 19.75 -1.02
N ILE A 120 -0.76 19.41 -0.47
CA ILE A 120 -0.69 18.37 0.53
C ILE A 120 -1.43 18.79 1.81
N PHE A 121 -1.25 20.04 2.24
CA PHE A 121 -2.00 20.55 3.38
C PHE A 121 -3.51 20.32 3.22
N GLU A 122 -4.03 20.68 2.03
CA GLU A 122 -5.46 20.56 1.80
C GLU A 122 -5.91 19.10 1.80
N PHE A 123 -5.12 18.25 1.17
CA PHE A 123 -5.39 16.82 1.18
C PHE A 123 -5.46 16.28 2.60
N LEU A 124 -4.48 16.61 3.42
CA LEU A 124 -4.44 16.06 4.78
C LEU A 124 -5.58 16.59 5.65
N LYS A 125 -6.01 17.83 5.43
CA LYS A 125 -7.14 18.35 6.19
C LYS A 125 -8.43 17.62 5.82
N LYS A 126 -8.71 17.52 4.53
CA LYS A 126 -10.00 16.96 4.15
C LYS A 126 -10.05 15.45 4.30
N GLU A 127 -8.92 14.77 4.10
CA GLU A 127 -8.91 13.30 4.11
C GLU A 127 -8.50 12.71 5.47
N ARG A 128 -7.82 13.48 6.31
CA ARG A 128 -7.33 12.94 7.58
C ARG A 128 -7.61 13.84 8.79
N ASN A 129 -8.28 14.96 8.58
CA ASN A 129 -8.56 15.91 9.67
C ASN A 129 -7.28 16.34 10.39
N ALA A 130 -6.20 16.52 9.64
CA ALA A 130 -4.93 16.86 10.26
C ALA A 130 -5.00 18.19 11.03
N ASN A 131 -4.28 18.26 12.15
CA ASN A 131 -4.21 19.49 12.95
C ASN A 131 -2.85 20.17 12.81
N ALA A 132 -1.82 19.42 12.42
CA ALA A 132 -0.49 19.98 12.32
C ALA A 132 0.34 19.16 11.34
N VAL A 133 1.30 19.83 10.70
CA VAL A 133 2.27 19.19 9.81
C VAL A 133 3.63 19.68 10.24
N ILE A 134 4.61 18.80 10.29
CA ILE A 134 5.95 19.18 10.71
C ILE A 134 7.02 18.64 9.78
N LEU A 135 8.17 19.29 9.78
CA LEU A 135 9.35 18.80 9.05
C LEU A 135 10.62 19.39 9.67
N ASP A 136 11.78 18.90 9.21
CA ASP A 136 13.04 19.11 9.93
C ASP A 136 14.23 19.45 9.03
N PRO A 137 14.17 20.59 8.34
CA PRO A 137 15.24 20.94 7.40
C PRO A 137 16.57 21.29 8.07
N HIS A 138 17.66 21.11 7.33
CA HIS A 138 18.96 21.60 7.77
C HIS A 138 18.94 23.12 7.95
N LYS A 139 19.59 23.61 8.99
CA LYS A 139 19.70 25.04 9.19
C LYS A 139 20.38 25.73 8.00
N ASN A 140 21.30 25.02 7.32
CA ASN A 140 22.02 25.64 6.21
C ASN A 140 21.36 25.41 4.85
N ASN A 141 20.04 25.16 4.87
CA ASN A 141 19.23 25.07 3.66
C ASN A 141 18.17 26.17 3.64
N PRO A 142 18.60 27.43 3.54
CA PRO A 142 17.63 28.53 3.60
C PRO A 142 16.59 28.54 2.49
N ARG A 143 16.90 28.01 1.31
CA ARG A 143 15.87 27.98 0.26
C ARG A 143 14.67 27.16 0.73
N ALA A 144 14.93 26.00 1.32
CA ALA A 144 13.87 25.16 1.85
C ALA A 144 13.15 25.86 3.00
N ILE A 145 13.92 26.41 3.94
CA ILE A 145 13.31 27.07 5.09
C ILE A 145 12.39 28.22 4.66
N ARG A 146 12.84 29.03 3.69
CA ARG A 146 12.02 30.16 3.24
C ARG A 146 10.76 29.68 2.50
N ALA A 147 10.88 28.61 1.72
CA ALA A 147 9.70 28.02 1.08
C ALA A 147 8.69 27.58 2.16
N TYR A 148 9.20 26.92 3.19
CA TYR A 148 8.34 26.40 4.23
C TYR A 148 7.69 27.57 5.00
N GLN A 149 8.44 28.64 5.23
CA GLN A 149 7.88 29.83 5.89
C GLN A 149 6.78 30.47 5.02
N LYS A 150 7.01 30.57 3.71
CA LYS A 150 5.96 31.05 2.80
C LYS A 150 4.70 30.22 2.92
N SER A 151 4.88 28.91 3.09
CA SER A 151 3.78 27.97 3.13
C SER A 151 3.01 28.00 4.45
N GLY A 152 3.62 28.58 5.48
CA GLY A 152 2.98 28.67 6.79
C GLY A 152 3.68 27.96 7.93
N PHE A 153 4.73 27.19 7.64
CA PHE A 153 5.51 26.58 8.71
C PHE A 153 6.27 27.64 9.50
N ARG A 154 6.44 27.39 10.80
CA ARG A 154 7.23 28.26 11.69
CA ARG A 154 7.31 28.26 11.59
C ARG A 154 8.27 27.43 12.44
N ILE A 155 9.46 27.98 12.63
CA ILE A 155 10.46 27.32 13.46
C ILE A 155 9.97 27.23 14.91
N ILE A 156 9.93 26.02 15.46
CA ILE A 156 9.52 25.84 16.85
C ILE A 156 10.56 25.15 17.75
N GLU A 157 11.58 24.50 17.18
CA GLU A 157 12.65 23.91 17.97
C GLU A 157 13.95 23.92 17.18
N ASP A 158 15.06 23.96 17.91
CA ASP A 158 16.39 23.70 17.36
C ASP A 158 16.72 22.24 17.58
N LEU A 159 17.26 21.60 16.56
CA LEU A 159 17.65 20.19 16.62
C LEU A 159 19.15 20.06 16.30
N PRO A 160 20.00 20.21 17.33
CA PRO A 160 21.45 20.17 17.07
C PRO A 160 21.90 18.79 16.62
N GLU A 161 22.84 18.73 15.68
CA GLU A 161 23.44 17.47 15.22
C GLU A 161 22.39 16.40 14.96
N HIS A 162 21.37 16.79 14.21
CA HIS A 162 20.17 15.99 14.03
C HIS A 162 20.30 14.94 12.93
N GLU A 163 21.08 15.24 11.88
CA GLU A 163 21.07 14.38 10.70
C GLU A 163 22.44 14.29 10.04
N LEU A 164 22.97 13.08 9.93
CA LEU A 164 24.23 12.85 9.22
C LEU A 164 24.04 13.17 7.75
N HIS A 165 24.90 14.03 7.22
CA HIS A 165 24.83 14.46 5.83
C HIS A 165 26.27 14.70 5.38
N GLU A 166 26.72 13.93 4.39
CA GLU A 166 28.07 14.08 3.85
C GLU A 166 29.13 14.05 4.96
N GLY A 167 28.94 13.12 5.90
CA GLY A 167 29.94 12.86 6.92
C GLY A 167 29.86 13.72 8.16
N LYS A 168 28.91 14.66 8.21
CA LYS A 168 28.75 15.59 9.33
C LYS A 168 27.32 15.58 9.85
N LYS A 169 27.14 15.56 11.17
CA LYS A 169 25.81 15.68 11.74
C LYS A 169 25.36 17.13 11.69
N GLU A 170 24.37 17.40 10.84
CA GLU A 170 23.91 18.76 10.58
C GLU A 170 22.84 19.20 11.57
N ASP A 171 22.99 20.42 12.07
CA ASP A 171 21.93 21.05 12.85
C ASP A 171 20.70 21.30 11.99
N CYS A 172 19.52 21.08 12.57
CA CYS A 172 18.26 21.29 11.86
C CYS A 172 17.31 22.16 12.68
N TYR A 173 16.24 22.60 12.01
CA TYR A 173 15.10 23.21 12.69
C TYR A 173 13.93 22.26 12.65
N LEU A 174 13.16 22.20 13.74
CA LEU A 174 11.83 21.64 13.66
C LEU A 174 10.88 22.76 13.29
N MET A 175 10.11 22.58 12.22
CA MET A 175 9.14 23.59 11.79
C MET A 175 7.75 22.98 11.77
N GLU A 176 6.76 23.80 12.12
CA GLU A 176 5.40 23.32 12.32
C GLU A 176 4.38 24.25 11.66
N TYR A 177 3.41 23.63 10.99
CA TYR A 177 2.26 24.32 10.41
C TYR A 177 1.03 23.86 11.15
N ARG A 178 0.12 24.79 11.50
CA ARG A 178 -1.06 24.43 12.29
C ARG A 178 -2.40 24.87 11.69
N TYR A 179 -2.44 24.99 10.35
CA TYR A 179 -3.66 25.41 9.66
C TYR A 179 -4.16 26.74 10.22
N MET B 1 -24.18 -14.48 -6.08
CA MET B 1 -23.95 -14.23 -7.51
C MET B 1 -23.97 -15.53 -8.31
N ASN B 2 -23.85 -15.39 -9.62
CA ASN B 2 -23.63 -16.53 -10.51
C ASN B 2 -22.97 -16.04 -11.79
N ILE B 3 -21.65 -16.17 -11.84
CA ILE B 3 -20.88 -15.86 -13.05
C ILE B 3 -20.53 -17.17 -13.72
N VAL B 4 -20.77 -17.27 -15.02
CA VAL B 4 -20.40 -18.47 -15.76
C VAL B 4 -19.54 -18.12 -16.96
N GLU B 5 -18.41 -18.79 -17.07
CA GLU B 5 -17.52 -18.65 -18.22
CA GLU B 5 -17.54 -18.65 -18.23
C GLU B 5 -16.97 -20.02 -18.60
N ASN B 6 -17.56 -20.64 -19.61
CA ASN B 6 -17.16 -21.97 -20.03
C ASN B 6 -17.19 -22.93 -18.82
N GLU B 7 -16.06 -23.55 -18.49
CA GLU B 7 -15.99 -24.52 -17.40
C GLU B 7 -16.26 -23.95 -16.02
N ILE B 8 -16.02 -22.64 -15.85
CA ILE B 8 -16.09 -22.04 -14.52
C ILE B 8 -17.46 -21.46 -14.17
N CYS B 9 -17.96 -21.81 -13.00
CA CYS B 9 -19.09 -21.13 -12.39
C CYS B 9 -18.67 -20.62 -11.03
N ILE B 10 -18.93 -19.33 -10.79
CA ILE B 10 -18.71 -18.72 -9.48
C ILE B 10 -20.08 -18.38 -8.92
N ARG B 11 -20.44 -18.93 -7.77
CA ARG B 11 -21.79 -18.74 -7.27
C ARG B 11 -21.82 -18.62 -5.76
N THR B 12 -22.91 -18.08 -5.24
CA THR B 12 -23.05 -17.84 -3.82
C THR B 12 -22.90 -19.11 -2.97
N LEU B 13 -22.11 -19.00 -1.91
CA LEU B 13 -22.00 -20.04 -0.90
C LEU B 13 -23.36 -20.32 -0.25
N ILE B 14 -23.76 -21.58 -0.18
CA ILE B 14 -25.00 -21.95 0.50
C ILE B 14 -24.71 -23.06 1.52
N ASP B 15 -25.69 -23.34 2.37
CA ASP B 15 -25.47 -24.23 3.50
CA ASP B 15 -25.49 -24.25 3.50
C ASP B 15 -24.99 -25.63 3.10
N ASP B 16 -25.46 -26.16 1.97
CA ASP B 16 -25.07 -27.53 1.65
CA ASP B 16 -25.09 -27.51 1.58
C ASP B 16 -23.65 -27.61 1.07
N ASP B 17 -22.95 -26.48 1.00
CA ASP B 17 -21.52 -26.48 0.64
C ASP B 17 -20.61 -26.78 1.83
N PHE B 18 -21.13 -26.69 3.06
CA PHE B 18 -20.21 -26.71 4.20
C PHE B 18 -19.54 -28.06 4.48
N PRO B 19 -20.23 -29.22 4.27
CA PRO B 19 -19.49 -30.45 4.53
C PRO B 19 -18.23 -30.60 3.65
N LEU B 20 -18.33 -30.23 2.37
CA LEU B 20 -17.16 -30.31 1.50
C LEU B 20 -16.13 -29.26 1.92
N MET B 21 -16.58 -28.07 2.32
CA MET B 21 -15.65 -27.07 2.81
CA MET B 21 -15.67 -27.05 2.85
C MET B 21 -14.87 -27.59 4.02
N LEU B 22 -15.52 -28.38 4.87
CA LEU B 22 -14.84 -28.95 6.03
C LEU B 22 -13.75 -29.93 5.58
N LYS B 23 -14.06 -30.74 4.56
CA LYS B 23 -13.05 -31.62 3.99
C LYS B 23 -11.83 -30.82 3.52
N TRP B 24 -12.08 -29.77 2.75
CA TRP B 24 -11.01 -28.91 2.27
C TRP B 24 -10.18 -28.33 3.41
N LEU B 25 -10.85 -27.82 4.43
CA LEU B 25 -10.15 -27.09 5.49
C LEU B 25 -9.78 -27.98 6.67
N THR B 26 -9.78 -29.29 6.42
CA THR B 26 -9.08 -30.23 7.31
C THR B 26 -7.98 -30.96 6.53
N ASP B 27 -7.79 -30.61 5.27
CA ASP B 27 -6.77 -31.21 4.41
C ASP B 27 -5.46 -30.46 4.59
N GLU B 28 -4.43 -31.14 5.12
CA GLU B 28 -3.17 -30.46 5.42
C GLU B 28 -2.55 -29.79 4.20
N ARG B 29 -2.81 -30.33 3.01
CA ARG B 29 -2.27 -29.75 1.79
C ARG B 29 -2.83 -28.37 1.53
N VAL B 30 -4.13 -28.21 1.79
CA VAL B 30 -4.79 -26.92 1.65
C VAL B 30 -4.41 -25.97 2.79
N LEU B 31 -4.42 -26.50 4.00
CA LEU B 31 -4.14 -25.70 5.18
C LEU B 31 -2.72 -25.14 5.21
N GLU B 32 -1.78 -25.80 4.54
CA GLU B 32 -0.40 -25.32 4.53
C GLU B 32 -0.32 -23.84 4.10
N PHE B 33 -1.14 -23.44 3.13
CA PHE B 33 -1.10 -22.07 2.61
C PHE B 33 -2.38 -21.27 2.85
N TYR B 34 -3.39 -21.90 3.44
CA TYR B 34 -4.61 -21.19 3.79
C TYR B 34 -5.06 -21.63 5.18
N GLY B 35 -4.94 -20.75 6.15
CA GLY B 35 -5.36 -21.03 7.53
C GLY B 35 -4.25 -21.56 8.43
N GLY B 36 -3.55 -22.59 7.96
CA GLY B 36 -2.51 -23.19 8.76
C GLY B 36 -2.87 -24.58 9.20
N ARG B 37 -1.87 -25.47 9.22
CA ARG B 37 -2.10 -26.89 9.50
C ARG B 37 -2.48 -27.14 10.96
N ASP B 38 -2.40 -26.11 11.79
CA ASP B 38 -2.81 -26.22 13.19
C ASP B 38 -4.29 -25.80 13.40
N LYS B 39 -4.97 -25.34 12.36
CA LYS B 39 -6.41 -25.08 12.40
C LYS B 39 -7.18 -26.36 12.68
N LYS B 40 -8.16 -26.31 13.58
CA LYS B 40 -8.95 -27.49 13.93
C LYS B 40 -10.45 -27.19 13.91
N TYR B 41 -11.03 -27.22 12.71
CA TYR B 41 -12.44 -26.96 12.54
C TYR B 41 -13.30 -28.19 12.84
N THR B 42 -14.51 -27.94 13.31
CA THR B 42 -15.61 -28.90 13.23
C THR B 42 -16.61 -28.34 12.23
N LEU B 43 -17.60 -29.14 11.83
CA LEU B 43 -18.64 -28.62 10.94
C LEU B 43 -19.30 -27.39 11.57
N GLU B 44 -19.63 -27.49 12.86
CA GLU B 44 -20.27 -26.39 13.57
C GLU B 44 -19.40 -25.14 13.62
N SER B 45 -18.12 -25.29 13.97
CA SER B 45 -17.29 -24.10 14.12
C SER B 45 -16.91 -23.52 12.77
N LEU B 46 -16.82 -24.36 11.74
CA LEU B 46 -16.59 -23.88 10.38
CA LEU B 46 -16.57 -23.86 10.40
C LEU B 46 -17.77 -23.02 9.93
N LYS B 47 -18.99 -23.54 10.11
CA LYS B 47 -20.17 -22.80 9.72
C LYS B 47 -20.24 -21.46 10.46
N LYS B 48 -19.93 -21.48 11.75
CA LYS B 48 -19.96 -20.25 12.53
C LYS B 48 -18.95 -19.23 11.97
N HIS B 49 -17.74 -19.68 11.68
CA HIS B 49 -16.69 -18.80 11.17
C HIS B 49 -17.10 -18.21 9.82
N TYR B 50 -17.66 -19.03 8.93
CA TYR B 50 -17.97 -18.56 7.58
C TYR B 50 -19.37 -17.98 7.43
N THR B 51 -20.03 -17.73 8.56
CA THR B 51 -21.24 -16.92 8.56
C THR B 51 -21.12 -15.68 9.44
N GLU B 52 -19.90 -15.40 9.94
CA GLU B 52 -19.65 -14.19 10.72
C GLU B 52 -19.95 -12.97 9.84
N PRO B 53 -20.64 -11.97 10.39
CA PRO B 53 -20.95 -10.79 9.56
C PRO B 53 -19.71 -9.92 9.33
N TRP B 54 -19.76 -9.12 8.26
CA TRP B 54 -18.68 -8.23 7.88
C TRP B 54 -19.11 -6.79 8.07
N GLU B 55 -18.15 -5.91 8.32
CA GLU B 55 -18.47 -4.51 8.56
C GLU B 55 -19.00 -3.82 7.32
N ASP B 56 -18.61 -4.31 6.15
CA ASP B 56 -19.14 -3.77 4.90
C ASP B 56 -19.48 -4.95 3.99
N GLU B 57 -19.73 -4.68 2.71
CA GLU B 57 -20.17 -5.72 1.78
C GLU B 57 -19.19 -6.87 1.67
N VAL B 58 -19.72 -8.09 1.63
CA VAL B 58 -18.91 -9.27 1.37
C VAL B 58 -19.67 -10.23 0.47
N PHE B 59 -18.94 -10.84 -0.44
CA PHE B 59 -19.44 -11.94 -1.25
C PHE B 59 -18.68 -13.20 -0.87
N ARG B 60 -19.39 -14.24 -0.45
CA ARG B 60 -18.78 -15.54 -0.23
CA ARG B 60 -18.79 -15.54 -0.22
C ARG B 60 -19.23 -16.45 -1.35
N VAL B 61 -18.28 -17.07 -2.04
CA VAL B 61 -18.59 -17.83 -3.24
C VAL B 61 -17.90 -19.20 -3.28
N ILE B 62 -18.53 -20.10 -4.02
CA ILE B 62 -17.95 -21.39 -4.37
C ILE B 62 -17.60 -21.39 -5.85
N ILE B 63 -16.43 -21.93 -6.16
CA ILE B 63 -15.94 -22.07 -7.52
C ILE B 63 -16.22 -23.49 -7.98
N GLU B 64 -16.98 -23.64 -9.07
CA GLU B 64 -17.22 -24.94 -9.69
C GLU B 64 -16.52 -25.03 -11.04
N TYR B 65 -15.95 -26.19 -11.31
CA TYR B 65 -15.31 -26.42 -12.60
C TYR B 65 -16.01 -27.61 -13.24
N ASN B 66 -16.68 -27.38 -14.37
CA ASN B 66 -17.52 -28.42 -14.99
C ASN B 66 -18.42 -29.11 -13.94
N ASN B 67 -19.09 -28.28 -13.15
CA ASN B 67 -20.09 -28.70 -12.16
C ASN B 67 -19.53 -29.47 -10.96
N VAL B 68 -18.21 -29.41 -10.79
CA VAL B 68 -17.54 -29.94 -9.60
C VAL B 68 -17.07 -28.78 -8.72
N PRO B 69 -17.59 -28.67 -7.48
CA PRO B 69 -17.06 -27.64 -6.58
C PRO B 69 -15.59 -27.88 -6.30
N ILE B 70 -14.74 -26.87 -6.51
CA ILE B 70 -13.31 -27.05 -6.29
C ILE B 70 -12.68 -26.02 -5.35
N GLY B 71 -13.39 -24.94 -5.02
CA GLY B 71 -12.79 -23.97 -4.10
C GLY B 71 -13.76 -22.93 -3.61
N TYR B 72 -13.19 -21.97 -2.89
CA TYR B 72 -13.92 -20.97 -2.14
C TYR B 72 -13.27 -19.61 -2.31
N GLY B 73 -14.08 -18.56 -2.41
CA GLY B 73 -13.54 -17.23 -2.39
C GLY B 73 -14.37 -16.30 -1.52
N GLN B 74 -13.72 -15.27 -0.99
CA GLN B 74 -14.45 -14.16 -0.38
C GLN B 74 -13.91 -12.86 -0.95
N ILE B 75 -14.83 -11.95 -1.22
CA ILE B 75 -14.55 -10.70 -1.88
C ILE B 75 -15.24 -9.64 -1.04
N TYR B 76 -14.49 -8.67 -0.54
CA TYR B 76 -15.03 -7.78 0.48
C TYR B 76 -14.69 -6.33 0.23
N LYS B 77 -15.65 -5.45 0.47
CA LYS B 77 -15.39 -4.03 0.35
C LYS B 77 -14.52 -3.58 1.50
N MET B 78 -13.48 -2.82 1.18
CA MET B 78 -12.57 -2.33 2.21
C MET B 78 -13.27 -1.35 3.13
N TYR B 79 -12.94 -1.43 4.41
CA TYR B 79 -13.45 -0.48 5.41
C TYR B 79 -12.28 -0.06 6.29
N ASP B 80 -12.51 0.98 7.09
CA ASP B 80 -11.42 1.70 7.77
C ASP B 80 -10.34 0.81 8.40
N GLU B 81 -10.75 -0.12 9.24
CA GLU B 81 -9.79 -0.96 9.96
C GLU B 81 -8.93 -1.79 9.00
N LEU B 82 -9.51 -2.28 7.92
CA LEU B 82 -8.78 -3.08 6.94
C LEU B 82 -7.72 -2.25 6.20
N TYR B 83 -8.05 -1.00 5.89
CA TYR B 83 -7.06 -0.12 5.26
C TYR B 83 -5.82 -0.05 6.13
N THR B 84 -6.03 0.13 7.43
CA THR B 84 -4.92 0.20 8.37
C THR B 84 -4.15 -1.12 8.44
N ASP B 85 -4.90 -2.23 8.56
CA ASP B 85 -4.29 -3.55 8.63
C ASP B 85 -3.45 -3.88 7.39
N TYR B 86 -3.95 -3.50 6.22
CA TYR B 86 -3.30 -3.79 4.94
C TYR B 86 -2.20 -2.79 4.58
N HIS B 87 -2.03 -1.75 5.39
CA HIS B 87 -1.14 -0.63 5.08
C HIS B 87 -1.45 -0.07 3.69
N TYR B 88 -2.73 0.11 3.44
CA TYR B 88 -3.22 0.61 2.17
C TYR B 88 -4.08 1.84 2.47
N PRO B 89 -3.56 3.06 2.24
CA PRO B 89 -4.29 4.24 2.69
C PRO B 89 -5.70 4.36 2.10
N LYS B 90 -6.65 4.67 2.97
CA LYS B 90 -7.99 4.99 2.53
C LYS B 90 -8.01 6.28 1.72
N THR B 91 -8.74 6.24 0.61
CA THR B 91 -9.07 7.43 -0.17
C THR B 91 -10.54 7.26 -0.54
N ASP B 92 -11.04 8.04 -1.48
CA ASP B 92 -12.46 7.90 -1.78
C ASP B 92 -12.70 6.94 -2.93
N GLU B 93 -11.73 6.06 -3.18
CA GLU B 93 -11.89 5.04 -4.21
C GLU B 93 -12.73 3.88 -3.71
N ILE B 94 -13.33 3.17 -4.65
CA ILE B 94 -14.03 1.94 -4.37
C ILE B 94 -13.01 0.79 -4.45
N VAL B 95 -12.70 0.18 -3.31
CA VAL B 95 -11.67 -0.85 -3.26
C VAL B 95 -12.20 -2.11 -2.60
N TYR B 96 -11.90 -3.26 -3.22
CA TYR B 96 -12.23 -4.55 -2.65
C TYR B 96 -10.97 -5.33 -2.36
N GLY B 97 -11.03 -6.20 -1.35
CA GLY B 97 -10.01 -7.20 -1.11
C GLY B 97 -10.53 -8.59 -1.47
N MET B 98 -9.62 -9.54 -1.62
CA MET B 98 -9.95 -10.91 -2.01
C MET B 98 -9.12 -11.93 -1.26
N ASP B 99 -9.75 -13.03 -0.86
CA ASP B 99 -9.07 -14.21 -0.31
CA ASP B 99 -9.00 -14.21 -0.42
C ASP B 99 -9.67 -15.43 -1.01
N GLN B 100 -8.88 -16.43 -1.36
CA GLN B 100 -9.42 -17.61 -2.01
C GLN B 100 -8.51 -18.82 -1.86
N PHE B 101 -9.12 -20.00 -2.00
CA PHE B 101 -8.36 -21.22 -2.13
C PHE B 101 -9.10 -22.22 -3.01
N ILE B 102 -8.32 -23.01 -3.73
CA ILE B 102 -8.81 -24.19 -4.40
C ILE B 102 -8.57 -25.36 -3.45
N GLY B 103 -9.66 -25.98 -3.01
CA GLY B 103 -9.60 -27.03 -2.00
C GLY B 103 -9.27 -28.42 -2.52
N GLU B 104 -9.34 -28.58 -3.84
CA GLU B 104 -8.99 -29.84 -4.50
C GLU B 104 -7.62 -29.66 -5.15
N PRO B 105 -6.53 -30.15 -4.51
CA PRO B 105 -5.18 -29.80 -4.99
C PRO B 105 -4.85 -30.34 -6.39
N ASN B 106 -5.57 -31.34 -6.87
CA ASN B 106 -5.33 -31.82 -8.23
CA ASN B 106 -5.34 -31.81 -8.23
C ASN B 106 -5.70 -30.77 -9.28
N TYR B 107 -6.46 -29.75 -8.86
CA TYR B 107 -6.84 -28.67 -9.77
C TYR B 107 -5.90 -27.45 -9.69
N TRP B 108 -4.84 -27.53 -8.89
CA TRP B 108 -3.86 -26.44 -8.82
C TRP B 108 -2.99 -26.34 -10.08
N SER B 109 -2.53 -25.12 -10.36
CA SER B 109 -1.53 -24.86 -11.41
C SER B 109 -2.00 -25.32 -12.78
N LYS B 110 -3.28 -25.09 -13.04
CA LYS B 110 -3.88 -25.37 -14.34
C LYS B 110 -4.54 -24.14 -14.92
N GLY B 111 -4.24 -22.98 -14.31
CA GLY B 111 -4.69 -21.70 -14.81
C GLY B 111 -6.05 -21.26 -14.30
N ILE B 112 -6.68 -22.09 -13.48
CA ILE B 112 -8.07 -21.83 -13.09
C ILE B 112 -8.15 -20.63 -12.13
N GLY B 113 -7.20 -20.53 -11.21
CA GLY B 113 -7.19 -19.42 -10.26
C GLY B 113 -7.07 -18.08 -10.96
N THR B 114 -6.22 -18.00 -11.98
CA THR B 114 -6.07 -16.78 -12.75
C THR B 114 -7.37 -16.42 -13.49
N ARG B 115 -8.04 -17.43 -14.06
CA ARG B 115 -9.32 -17.19 -14.71
C ARG B 115 -10.39 -16.72 -13.73
N TYR B 116 -10.39 -17.31 -12.53
CA TYR B 116 -11.29 -16.89 -11.46
C TYR B 116 -11.10 -15.42 -11.12
N ILE B 117 -9.86 -15.02 -10.91
CA ILE B 117 -9.58 -13.64 -10.53
CA ILE B 117 -9.54 -13.63 -10.54
C ILE B 117 -10.06 -12.65 -11.59
N LYS B 118 -9.79 -12.96 -12.86
CA LYS B 118 -10.21 -12.05 -13.92
CA LYS B 118 -10.21 -12.11 -13.98
C LYS B 118 -11.74 -11.92 -13.97
N LEU B 119 -12.45 -13.00 -13.71
CA LEU B 119 -13.91 -12.91 -13.65
C LEU B 119 -14.39 -12.04 -12.48
N ILE B 120 -13.74 -12.14 -11.33
CA ILE B 120 -14.08 -11.29 -10.20
C ILE B 120 -13.79 -9.81 -10.54
N PHE B 121 -12.65 -9.55 -11.18
CA PHE B 121 -12.32 -8.18 -11.58
C PHE B 121 -13.45 -7.57 -12.43
N GLU B 122 -13.92 -8.36 -13.41
CA GLU B 122 -14.94 -7.86 -14.31
CA GLU B 122 -14.96 -7.92 -14.33
C GLU B 122 -16.27 -7.63 -13.59
N PHE B 123 -16.64 -8.54 -12.71
CA PHE B 123 -17.85 -8.37 -11.91
C PHE B 123 -17.79 -7.10 -11.05
N LEU B 124 -16.68 -6.89 -10.35
CA LEU B 124 -16.57 -5.72 -9.48
C LEU B 124 -16.63 -4.41 -10.25
N LYS B 125 -16.07 -4.40 -11.46
CA LYS B 125 -16.11 -3.20 -12.28
C LYS B 125 -17.52 -2.92 -12.77
N LYS B 126 -18.18 -3.95 -13.30
CA LYS B 126 -19.54 -3.80 -13.84
C LYS B 126 -20.58 -3.51 -12.77
N GLU B 127 -20.53 -4.24 -11.67
CA GLU B 127 -21.60 -4.18 -10.68
C GLU B 127 -21.32 -3.22 -9.52
N ARG B 128 -20.05 -2.87 -9.30
CA ARG B 128 -19.71 -2.00 -8.17
C ARG B 128 -18.82 -0.82 -8.54
N ASN B 129 -18.48 -0.68 -9.81
CA ASN B 129 -17.64 0.41 -10.29
CA ASN B 129 -17.65 0.43 -10.27
C ASN B 129 -16.33 0.52 -9.49
N ALA B 130 -15.74 -0.63 -9.21
CA ALA B 130 -14.51 -0.70 -8.43
C ALA B 130 -13.35 0.02 -9.10
N ASN B 131 -12.49 0.63 -8.30
CA ASN B 131 -11.28 1.28 -8.80
C ASN B 131 -10.03 0.45 -8.62
N ALA B 132 -10.02 -0.39 -7.60
CA ALA B 132 -8.84 -1.18 -7.30
C ALA B 132 -9.24 -2.42 -6.52
N VAL B 133 -8.40 -3.46 -6.63
CA VAL B 133 -8.58 -4.70 -5.90
C VAL B 133 -7.25 -5.06 -5.26
N ILE B 134 -7.27 -5.52 -4.02
CA ILE B 134 -6.03 -5.84 -3.31
C ILE B 134 -6.09 -7.19 -2.61
N LEU B 135 -4.93 -7.70 -2.27
CA LEU B 135 -4.80 -8.87 -1.38
C LEU B 135 -3.41 -8.88 -0.74
N ASP B 136 -3.24 -9.75 0.26
CA ASP B 136 -2.03 -9.74 1.09
C ASP B 136 -1.41 -11.13 1.29
N PRO B 137 -0.95 -11.76 0.20
CA PRO B 137 -0.39 -13.12 0.28
C PRO B 137 0.92 -13.23 1.04
N HIS B 138 1.17 -14.42 1.58
CA HIS B 138 2.46 -14.73 2.20
C HIS B 138 3.59 -14.65 1.18
N LYS B 139 4.72 -14.07 1.57
CA LYS B 139 5.87 -13.98 0.68
C LYS B 139 6.40 -15.35 0.26
N ASN B 140 6.18 -16.36 1.09
CA ASN B 140 6.67 -17.71 0.79
C ASN B 140 5.66 -18.59 0.06
N ASN B 141 4.72 -17.97 -0.64
CA ASN B 141 3.72 -18.68 -1.43
C ASN B 141 3.88 -18.32 -2.90
N PRO B 142 4.92 -18.86 -3.55
CA PRO B 142 5.23 -18.40 -4.91
C PRO B 142 4.15 -18.76 -5.93
N ARG B 143 3.41 -19.84 -5.73
CA ARG B 143 2.35 -20.23 -6.64
C ARG B 143 1.23 -19.17 -6.65
N ALA B 144 0.84 -18.71 -5.46
CA ALA B 144 -0.17 -17.68 -5.36
C ALA B 144 0.34 -16.36 -5.94
N ILE B 145 1.55 -15.96 -5.58
CA ILE B 145 2.07 -14.69 -6.07
CA ILE B 145 2.14 -14.72 -6.08
C ILE B 145 2.13 -14.69 -7.60
N ARG B 146 2.55 -15.80 -8.20
CA ARG B 146 2.61 -15.88 -9.66
C ARG B 146 1.20 -15.77 -10.28
N ALA B 147 0.23 -16.48 -9.72
CA ALA B 147 -1.13 -16.38 -10.24
C ALA B 147 -1.62 -14.92 -10.17
N TYR B 148 -1.32 -14.25 -9.07
CA TYR B 148 -1.80 -12.88 -8.88
C TYR B 148 -1.12 -11.94 -9.88
N GLN B 149 0.16 -12.14 -10.12
CA GLN B 149 0.87 -11.30 -11.08
C GLN B 149 0.35 -11.52 -12.50
N LYS B 150 0.11 -12.78 -12.89
CA LYS B 150 -0.49 -13.06 -14.19
C LYS B 150 -1.83 -12.34 -14.34
N SER B 151 -2.56 -12.24 -13.23
CA SER B 151 -3.88 -11.62 -13.25
C SER B 151 -3.83 -10.10 -13.34
N GLY B 152 -2.70 -9.51 -12.98
CA GLY B 152 -2.54 -8.07 -13.04
C GLY B 152 -2.23 -7.40 -11.70
N PHE B 153 -2.27 -8.16 -10.62
CA PHE B 153 -1.84 -7.61 -9.32
C PHE B 153 -0.35 -7.27 -9.36
N ARG B 154 0.05 -6.19 -8.69
CA ARG B 154 1.46 -5.81 -8.58
C ARG B 154 1.81 -5.62 -7.10
N ILE B 155 3.00 -6.05 -6.70
CA ILE B 155 3.47 -5.79 -5.34
C ILE B 155 3.65 -4.31 -5.12
N ILE B 156 3.00 -3.75 -4.11
CA ILE B 156 3.11 -2.33 -3.84
C ILE B 156 3.56 -1.98 -2.42
N GLU B 157 3.61 -2.98 -1.53
CA GLU B 157 4.12 -2.73 -0.19
C GLU B 157 4.60 -4.04 0.43
N ASP B 158 5.62 -3.93 1.26
N ASP B 158 5.66 -3.98 1.24
CA ASP B 158 6.12 -5.01 2.11
CA ASP B 158 6.07 -5.11 2.06
C ASP B 158 5.29 -5.02 3.41
C ASP B 158 5.35 -5.05 3.40
N LEU B 159 4.82 -6.20 3.84
CA LEU B 159 4.09 -6.32 5.09
C LEU B 159 4.80 -7.30 6.03
N PRO B 160 5.85 -6.82 6.71
CA PRO B 160 6.60 -7.73 7.59
C PRO B 160 5.76 -8.27 8.75
N GLU B 161 5.96 -9.54 9.09
CA GLU B 161 5.34 -10.13 10.28
C GLU B 161 3.85 -9.82 10.35
N HIS B 162 3.19 -10.05 9.22
CA HIS B 162 1.83 -9.57 9.00
C HIS B 162 0.75 -10.49 9.57
N GLU B 163 1.02 -11.80 9.56
CA GLU B 163 -0.03 -12.78 9.84
C GLU B 163 0.50 -14.01 10.57
N LEU B 164 -0.05 -14.31 11.75
CA LEU B 164 0.34 -15.51 12.49
C LEU B 164 -0.14 -16.75 11.73
N HIS B 165 0.82 -17.62 11.39
CA HIS B 165 0.52 -18.81 10.61
C HIS B 165 1.39 -19.96 11.11
N GLU B 166 0.77 -21.01 11.66
CA GLU B 166 1.52 -22.15 12.18
C GLU B 166 2.62 -21.70 13.16
N GLY B 167 2.28 -20.77 14.03
CA GLY B 167 3.16 -20.35 15.11
C GLY B 167 4.19 -19.29 14.76
N LYS B 168 4.15 -18.79 13.52
CA LYS B 168 5.12 -17.79 13.07
C LYS B 168 4.40 -16.61 12.44
N LYS B 169 4.84 -15.39 12.72
CA LYS B 169 4.28 -14.22 12.05
C LYS B 169 4.90 -14.10 10.67
N GLU B 170 4.16 -14.47 9.63
CA GLU B 170 4.70 -14.54 8.28
C GLU B 170 4.72 -13.19 7.59
N ASP B 171 5.84 -12.89 6.94
CA ASP B 171 5.93 -11.73 6.06
C ASP B 171 4.99 -11.91 4.87
N CYS B 172 4.33 -10.82 4.48
CA CYS B 172 3.44 -10.81 3.33
C CYS B 172 3.76 -9.68 2.35
N TYR B 173 3.17 -9.73 1.17
CA TYR B 173 3.17 -8.62 0.23
C TYR B 173 1.77 -8.03 0.17
N LEU B 174 1.68 -6.71 0.08
CA LEU B 174 0.45 -6.08 -0.38
C LEU B 174 0.50 -6.02 -1.90
N MET B 175 -0.51 -6.57 -2.57
CA MET B 175 -0.57 -6.49 -4.02
C MET B 175 -1.85 -5.80 -4.45
N GLU B 176 -1.77 -5.04 -5.53
CA GLU B 176 -2.85 -4.19 -5.99
C GLU B 176 -3.05 -4.28 -7.49
N TYR B 177 -4.31 -4.38 -7.90
CA TYR B 177 -4.73 -4.27 -9.30
C TYR B 177 -5.55 -3.00 -9.47
N ARG B 178 -5.27 -2.21 -10.50
CA ARG B 178 -5.98 -0.95 -10.71
C ARG B 178 -6.64 -0.82 -12.09
N TYR B 179 -7.05 -1.93 -12.68
CA TYR B 179 -7.72 -1.92 -13.99
C TYR B 179 -6.86 -1.21 -15.03
C1 KAN C . 15.49 12.71 3.96
C2 KAN C . 16.71 13.18 3.17
C3 KAN C . 17.46 14.24 3.94
C4 KAN C . 16.50 15.38 4.26
C5 KAN C . 15.29 14.87 5.01
C6 KAN C . 14.25 15.96 5.26
C7 KAN C . 14.28 9.13 7.77
C8 KAN C . 13.78 9.10 6.33
C9 KAN C . 14.71 9.91 5.42
C10 KAN C . 14.89 11.36 5.91
C11 KAN C . 15.37 11.36 7.37
C12 KAN C . 14.42 10.57 8.28
C13 KAN C . 12.46 7.24 5.57
C14 KAN C . 12.29 5.85 6.17
C15 KAN C . 13.30 4.89 5.54
C16 KAN C . 13.07 4.86 4.04
C17 KAN C . 13.22 6.28 3.48
C18 KAN C . 12.89 6.37 1.99
N1 KAN C . 14.71 16.95 6.22
N2 KAN C . 15.51 12.72 7.85
N3 KAN C . 13.38 8.38 8.61
N4 KAN C . 13.15 3.56 6.11
O5 KAN C . 14.65 13.82 4.28
O6 KAN C . 17.59 12.07 2.93
O7 KAN C . 18.55 14.74 3.15
O8 KAN C . 17.17 16.36 5.05
O9 KAN C . 15.91 12.02 5.15
O10 KAN C . 14.13 9.92 4.12
O11 KAN C . 13.76 7.75 5.87
O12 KAN C . 12.33 7.17 4.16
O13 KAN C . 12.48 5.92 7.58
O14 KAN C . 14.07 4.01 3.47
O15 KAN C . 11.52 6.04 1.76
N1A 30N D . 18.42 32.06 0.69
C2A 30N D . 17.20 32.56 0.93
N3A 30N D . 16.18 32.41 0.08
C4A 30N D . 16.35 31.72 -1.06
C5A 30N D . 17.57 31.16 -1.38
C6A 30N D . 18.68 31.36 -0.42
N6A 30N D . 19.90 30.83 -0.67
N7A 30N D . 17.45 30.53 -2.56
C8A 30N D . 16.18 30.70 -2.98
N9A 30N D . 15.52 31.42 -2.06
C1B 30N D . 14.10 31.83 -2.06
C2B 30N D . 13.43 31.79 -3.41
O2B 30N D . 13.71 32.97 -4.17
C3B 30N D . 11.97 31.69 -2.98
O3B 30N D . 11.50 32.92 -2.45
P3B 30N D . 10.49 33.86 -3.29
O7A 30N D . 10.19 35.01 -2.35
O8A 30N D . 11.31 34.26 -4.49
O9A 30N D . 9.30 33.01 -3.63
C4B 30N D . 12.07 30.75 -1.79
O4B 30N D . 13.39 30.87 -1.28
C5B 30N D . 11.80 29.32 -2.22
O5B 30N D . 10.39 29.17 -2.34
P1A 30N D . 9.79 28.34 -3.56
O1A 30N D . 10.30 28.87 -4.86
O2A 30N D . 8.30 28.27 -3.34
O3A 30N D . 10.46 26.91 -3.26
P2A 30N D . 10.86 25.74 -4.30
O4A 30N D . 9.79 25.64 -5.35
O5A 30N D . 12.29 25.88 -4.70
O6A 30N D . 10.65 24.46 -3.32
CBP 30N D . 12.20 22.92 -2.27
CCP 30N D . 11.51 24.28 -2.19
CDP 30N D . 13.04 22.77 -1.01
CEP 30N D . 11.17 21.81 -2.33
CAP 30N D . 13.12 22.92 -3.50
OAP 30N D . 13.95 24.09 -3.54
C9P 30N D . 14.01 21.70 -3.59
O9P 30N D . 13.52 20.62 -3.88
N8P 30N D . 15.31 21.85 -3.31
C7P 30N D . 16.36 20.81 -3.35
C6P 30N D . 15.98 19.65 -2.41
C5P 30N D . 15.63 20.12 -1.01
O5P 30N D . 16.23 21.05 -0.47
N4P 30N D . 14.68 19.43 -0.37
C3P 30N D . 14.17 19.71 0.97
C2P 30N D . 15.11 19.18 2.04
S1P 30N D . 14.75 19.95 3.54
O1P 30N D . 13.25 19.74 3.75
O2P 30N D . 15.50 19.15 4.61
C FMT E . 17.93 10.22 -0.26
O1 FMT E . 17.60 9.22 -0.85
O2 FMT E . 17.64 10.36 1.03
C FMT F . 15.26 36.22 -2.92
O1 FMT F . 16.38 36.04 -3.36
O2 FMT F . 15.05 36.14 -1.60
C1 KAN G . -7.10 -16.02 5.44
C1 KAN G . -7.37 -15.13 5.22
C2 KAN G . -6.26 -17.29 5.55
C2 KAN G . -7.74 -16.40 5.97
C3 KAN G . -4.79 -16.94 5.44
C3 KAN G . -6.46 -17.07 6.45
C4 KAN G . -4.53 -16.24 4.12
C4 KAN G . -5.60 -17.39 5.24
C5 KAN G . -5.42 -15.01 3.96
C5 KAN G . -5.28 -16.11 4.47
C6 KAN G . -5.33 -14.50 2.54
C6 KAN G . -4.51 -16.41 3.20
C7 KAN G . -8.94 -12.10 8.49
C7 KAN G . -7.23 -10.13 7.05
C8 KAN G . -9.80 -13.00 7.61
C8 KAN G . -8.14 -11.17 7.70
C9 KAN G . -9.03 -14.28 7.31
C9 KAN G . -7.58 -12.58 7.54
C10 KAN G . -7.68 -14.01 6.63
C10 KAN G . -7.26 -12.93 6.10
C11 KAN G . -6.86 -12.97 7.36
C11 KAN G . -6.26 -11.91 5.55
C12 KAN G . -7.67 -11.73 7.72
C12 KAN G . -6.83 -10.51 5.62
C13 KAN G . -12.16 -12.92 7.62
C13 KAN G . -9.37 -10.28 9.55
C14 KAN G . -13.09 -12.20 8.60
C14 KAN G . -8.95 -9.18 10.50
C15 KAN G . -13.55 -13.18 9.66
C15 KAN G . -8.22 -9.80 11.68
C16 KAN G . -14.28 -14.33 8.99
C16 KAN G . -9.12 -10.81 12.36
C17 KAN G . -13.36 -15.01 7.98
C17 KAN G . -9.69 -11.84 11.39
C18 KAN G . -14.10 -16.10 7.20
C18 KAN G . -10.83 -12.60 12.07
N1 KAN G . -3.99 -14.00 2.29
N1 KAN G . -4.27 -15.18 2.50
N2 KAN G . -5.72 -12.62 6.53
N2 KAN G . -5.94 -12.21 4.17
N3 KAN G . -9.69 -10.92 8.89
N3 KAN G . -7.92 -8.85 7.03
N4 KAN G . -14.42 -12.52 10.61
N4 KAN G . -7.84 -8.77 12.63
O5 KAN G . -6.80 -15.26 4.27
O5 KAN G . -6.48 -15.40 4.14
O6 KAN G . -6.50 -17.91 6.82
O6 KAN G . -8.61 -16.08 7.07
O7 KAN G . -4.01 -18.13 5.50
O7 KAN G . -6.76 -18.25 7.19
O8 KAN G . -3.15 -15.83 4.07
O8 KAN G . -4.40 -18.06 5.63
O9 KAN G . -6.92 -15.23 6.60
O9 KAN G . -6.71 -14.25 6.11
O10 KAN G . -9.85 -15.05 6.44
O10 KAN G . -8.56 -13.52 8.02
O11 KAN G . -10.99 -13.37 8.30
O11 KAN G . -8.20 -10.97 9.09
O12 KAN G . -12.79 -14.08 7.05
O12 KAN G . -10.21 -11.25 10.18
O13 KAN G . -12.44 -11.08 9.20
O13 KAN G . -8.08 -8.25 9.83
O14 KAN G . -14.68 -15.25 10.01
O14 KAN G . -8.38 -11.50 13.38
O15 KAN G . -15.14 -15.56 6.38
O15 KAN G . -10.38 -13.08 13.35
N1A 30N H . 7.45 -21.49 -7.95
C2A 30N H . 7.08 -20.64 -8.93
N3A 30N H . 5.92 -20.78 -9.59
C4A 30N H . 5.07 -21.79 -9.28
C5A 30N H . 5.40 -22.70 -8.29
C6A 30N H . 6.68 -22.52 -7.59
N6A 30N H . 7.05 -23.38 -6.62
N7A 30N H . 4.39 -23.60 -8.20
C8A 30N H . 3.46 -23.26 -9.12
N9A 30N H . 3.89 -22.16 -9.76
C1B 30N H . 3.19 -21.41 -10.82
C2B 30N H . 2.45 -22.24 -11.84
O2B 30N H . 3.35 -22.79 -12.80
C3B 30N H . 1.49 -21.19 -12.38
O3B 30N H . 2.18 -20.28 -13.25
P3B 30N H . 2.21 -20.45 -14.85
O7A 30N H . 3.06 -19.28 -15.28
O8A 30N H . 2.86 -21.80 -15.08
O9A 30N H . 0.78 -20.40 -15.31
C4B 30N H . 1.14 -20.38 -11.13
O4B 30N H . 2.14 -20.69 -10.16
C5B 30N H . -0.25 -20.70 -10.64
O5B 30N H . -1.15 -20.03 -11.50
P1A 30N H . -2.61 -20.65 -11.76
O1A 30N H . -2.51 -22.08 -12.20
O2A 30N H . -3.33 -19.66 -12.62
O3A 30N H . -3.20 -20.61 -10.25
P2A 30N H . -4.05 -21.71 -9.45
O4A 30N H . -5.19 -22.15 -10.32
O5A 30N H . -3.15 -22.74 -8.83
O6A 30N H . -4.67 -20.78 -8.31
CBP 30N H . -4.30 -20.42 -5.95
CCP 30N H . -3.82 -20.11 -7.36
CDP 30N H . -3.35 -19.72 -4.98
CEP 30N H . -5.72 -19.93 -5.76
CAP 30N H . -4.19 -21.95 -5.75
OAP 30N H . -2.89 -22.45 -6.09
C9P 30N H . -4.50 -22.38 -4.33
O9P 30N H . -5.64 -22.35 -3.90
N8P 30N H . -3.49 -22.79 -3.56
C7P 30N H . -3.61 -23.24 -2.17
C6P 30N H . -4.23 -22.16 -1.28
C5P 30N H . -3.62 -20.80 -1.43
O5P 30N H . -2.42 -20.63 -1.54
N4P 30N H . -4.45 -19.76 -1.41
C3P 30N H . -4.05 -18.36 -1.55
C2P 30N H . -3.39 -17.88 -0.26
S1P 30N H . -2.50 -16.43 -0.53
O1P 30N H . -3.53 -15.50 -1.16
O2P 30N H . -2.17 -15.89 0.86
C FMT I . -9.12 -20.71 7.19
O1 FMT I . -10.30 -20.99 7.35
O2 FMT I . -8.62 -19.61 7.74
C FMT J . -23.12 -16.83 1.74
O1 FMT J . -24.16 -17.46 1.92
O2 FMT J . -23.05 -15.53 2.04
C FMT K . -8.02 -31.87 -12.03
O1 FMT K . -7.44 -32.92 -11.81
O2 FMT K . -7.84 -31.23 -13.18
#